data_9J5D
#
_entry.id   9J5D
#
_cell.length_a   108.038
_cell.length_b   108.038
_cell.length_c   44.546
_cell.angle_alpha   90.000
_cell.angle_beta   90.000
_cell.angle_gamma   120.000
#
_symmetry.space_group_name_H-M   'P 63'
#
loop_
_entity.id
_entity.type
_entity.pdbx_description
1 polymer 'Alpha/beta hydrolase fold-3 domain-containing protein'
2 non-polymer 'dimethyl benzene-1,2-dicarboxylate'
3 non-polymer 1,2-ETHANEDIOL
4 non-polymer 'MALONIC ACID'
5 non-polymer 'ACETYL GROUP'
6 water water
#
_entity_poly.entity_id   1
_entity_poly.type   'polypeptide(L)'
_entity_poly.pdbx_seq_one_letter_code
;HHHHHHMPLDPRVEQFLAQMPPLNREGLSLAEARQQFKQGALLLDQMVPPPPVDTEDGTVVTTHGPVRIRRYIPDRLRFS
HPLVFYHGGGFVFGDIDTHHGLVARLCQTVGATVISVDYSLAPEAKFPVPVAECIDVARWAAHEAPGWGLKPSIVVAGDS
AGGNLAAVVSQRAKDESLPIAAQLLFYPALDMVHETPSKRDFARGYLLEADAMQWFGEQYLRTPDDVSHPWASPALSPDL
TGLPPALVITAEYDPLRDEGEAYAEALRAAGVPTEQIRFDGMIHGFMTMPIFPQMEAAIEAVARFLERID
;
_entity_poly.pdbx_strand_id   A
#
loop_
_chem_comp.id
_chem_comp.type
_chem_comp.name
_chem_comp.formula
ACE non-polymer 'ACETYL GROUP' 'C2 H4 O'
EDO non-polymer 1,2-ETHANEDIOL 'C2 H6 O2'
MLA non-polymer 'MALONIC ACID' 'C3 H4 O4'
TIK non-polymer 'dimethyl benzene-1,2-dicarboxylate' 'C10 H10 O4'
#
# COMPACT_ATOMS: atom_id res chain seq x y z
N MET A 7 -22.75 -9.93 -0.75
CA MET A 7 -23.24 -9.03 0.34
C MET A 7 -23.53 -7.64 -0.25
N PRO A 8 -24.61 -6.90 0.14
CA PRO A 8 -24.95 -5.64 -0.53
C PRO A 8 -23.80 -4.63 -0.44
N LEU A 9 -23.74 -3.71 -1.39
CA LEU A 9 -22.79 -2.60 -1.32
C LEU A 9 -23.07 -1.78 -0.07
N ASP A 10 -22.01 -1.43 0.69
CA ASP A 10 -22.16 -0.62 1.90
C ASP A 10 -22.97 0.63 1.57
N PRO A 11 -24.00 1.06 2.36
CA PRO A 11 -24.80 2.25 2.01
C PRO A 11 -24.02 3.54 1.76
N ARG A 12 -23.04 3.87 2.61
CA ARG A 12 -22.24 5.08 2.41
C ARG A 12 -21.38 5.00 1.12
N VAL A 13 -20.82 3.83 0.85
CA VAL A 13 -20.11 3.56 -0.41
C VAL A 13 -21.02 3.83 -1.59
N GLU A 14 -22.23 3.29 -1.51
CA GLU A 14 -23.18 3.45 -2.61
C GLU A 14 -23.42 4.94 -2.87
N GLN A 15 -23.59 5.73 -1.80
CA GLN A 15 -23.82 7.16 -1.90
C GLN A 15 -22.61 7.85 -2.53
N PHE A 16 -21.40 7.46 -2.10
CA PHE A 16 -20.18 8.05 -2.61
C PHE A 16 -20.08 7.84 -4.12
N LEU A 17 -20.32 6.61 -4.58
CA LEU A 17 -20.21 6.30 -5.99
C LEU A 17 -21.24 7.10 -6.78
N ALA A 18 -22.45 7.27 -6.23
CA ALA A 18 -23.53 7.95 -6.92
C ALA A 18 -23.25 9.44 -7.13
N GLN A 19 -22.43 10.05 -6.26
CA GLN A 19 -22.17 11.48 -6.26
C GLN A 19 -20.88 11.80 -7.03
N MET A 20 -20.16 10.77 -7.54
N MET A 20 -20.17 10.77 -7.51
CA MET A 20 -18.95 10.98 -8.33
CA MET A 20 -18.99 10.98 -8.35
C MET A 20 -19.33 11.52 -9.72
C MET A 20 -19.41 11.60 -9.68
N PRO A 21 -18.72 12.63 -10.20
CA PRO A 21 -19.08 13.21 -11.52
C PRO A 21 -18.95 12.28 -12.74
N LEU A 28 -7.70 15.51 -19.74
CA LEU A 28 -6.82 16.06 -18.69
C LEU A 28 -5.36 15.77 -19.05
N SER A 29 -4.48 16.76 -18.84
CA SER A 29 -3.05 16.52 -18.82
C SER A 29 -2.68 15.69 -17.59
N LEU A 30 -1.46 15.17 -17.64
CA LEU A 30 -0.93 14.39 -16.55
C LEU A 30 -0.88 15.25 -15.28
N ALA A 31 -0.41 16.48 -15.42
CA ALA A 31 -0.31 17.39 -14.29
C ALA A 31 -1.68 17.66 -13.71
N GLU A 32 -2.68 17.82 -14.59
CA GLU A 32 -4.03 18.13 -14.16
C GLU A 32 -4.65 16.92 -13.46
N ALA A 33 -4.42 15.74 -14.02
CA ALA A 33 -4.92 14.50 -13.42
C ALA A 33 -4.33 14.30 -12.02
N ARG A 34 -3.03 14.59 -11.86
CA ARG A 34 -2.38 14.44 -10.56
C ARG A 34 -2.96 15.42 -9.55
N GLN A 35 -3.22 16.66 -9.99
CA GLN A 35 -3.80 17.67 -9.13
C GLN A 35 -5.22 17.29 -8.73
N GLN A 36 -6.00 16.74 -9.67
CA GLN A 36 -7.34 16.29 -9.38
C GLN A 36 -7.33 15.21 -8.29
N PHE A 37 -6.43 14.21 -8.41
CA PHE A 37 -6.30 13.12 -7.45
C PHE A 37 -5.98 13.72 -6.08
N LYS A 38 -5.05 14.68 -6.08
CA LYS A 38 -4.65 15.37 -4.86
C LYS A 38 -5.83 16.14 -4.24
N GLN A 39 -6.62 16.82 -5.08
CA GLN A 39 -7.75 17.60 -4.59
C GLN A 39 -8.80 16.69 -3.94
N GLY A 40 -9.08 15.52 -4.54
CA GLY A 40 -10.03 14.58 -3.96
C GLY A 40 -9.61 14.11 -2.56
N ALA A 41 -8.31 13.86 -2.39
CA ALA A 41 -7.77 13.41 -1.12
C ALA A 41 -7.91 14.52 -0.07
N LEU A 42 -7.63 15.76 -0.48
CA LEU A 42 -7.83 16.92 0.37
C LEU A 42 -9.29 17.02 0.81
N LEU A 43 -10.25 16.82 -0.13
CA LEU A 43 -11.66 16.97 0.18
C LEU A 43 -12.08 15.94 1.23
N LEU A 44 -11.57 14.71 1.10
CA LEU A 44 -11.92 13.68 2.06
C LEU A 44 -11.37 14.00 3.44
N ASP A 45 -10.13 14.50 3.50
CA ASP A 45 -9.55 14.88 4.77
C ASP A 45 -10.30 16.07 5.40
N GLN A 46 -10.84 16.97 4.59
CA GLN A 46 -11.63 18.07 5.14
C GLN A 46 -12.92 17.52 5.74
N MET A 47 -13.47 16.48 5.11
CA MET A 47 -14.72 15.92 5.60
C MET A 47 -14.48 15.18 6.91
N VAL A 48 -13.32 14.51 7.00
CA VAL A 48 -13.01 13.76 8.22
C VAL A 48 -11.56 14.02 8.58
N PRO A 49 -11.27 15.09 9.35
CA PRO A 49 -9.89 15.48 9.65
C PRO A 49 -9.04 14.38 10.29
N PRO A 50 -7.73 14.31 9.93
CA PRO A 50 -6.83 13.33 10.53
C PRO A 50 -6.52 13.70 11.97
N PRO A 51 -6.01 12.72 12.75
CA PRO A 51 -5.55 13.01 14.11
C PRO A 51 -4.28 13.83 14.01
N PRO A 52 -4.08 14.82 14.91
CA PRO A 52 -2.78 15.46 15.02
C PRO A 52 -1.69 14.43 15.26
N VAL A 53 -0.51 14.68 14.68
CA VAL A 53 0.60 13.77 14.85
C VAL A 53 1.89 14.54 14.55
N ASP A 54 2.90 14.32 15.39
CA ASP A 54 4.24 14.82 15.13
C ASP A 54 4.90 14.15 13.92
N THR A 55 5.45 14.98 13.03
CA THR A 55 6.13 14.48 11.85
C THR A 55 7.44 15.22 11.62
N GLU A 56 8.33 14.56 10.89
CA GLU A 56 9.60 15.12 10.48
C GLU A 56 9.83 14.76 9.02
N ASP A 57 10.05 15.74 8.15
CA ASP A 57 10.36 15.49 6.75
C ASP A 57 11.86 15.22 6.59
N GLY A 58 12.22 14.35 5.67
CA GLY A 58 13.61 14.02 5.42
C GLY A 58 13.78 13.56 3.98
N THR A 59 15.02 13.20 3.62
CA THR A 59 15.31 12.69 2.29
C THR A 59 16.30 11.53 2.43
N VAL A 60 16.02 10.44 1.72
CA VAL A 60 16.89 9.27 1.73
C VAL A 60 17.63 9.20 0.39
N VAL A 61 18.92 8.91 0.46
CA VAL A 61 19.72 8.74 -0.75
C VAL A 61 19.50 7.32 -1.26
N THR A 62 18.86 7.17 -2.41
CA THR A 62 18.69 5.87 -3.03
C THR A 62 19.60 5.73 -4.24
N THR A 63 19.57 4.52 -4.80
CA THR A 63 20.35 4.19 -5.98
C THR A 63 19.78 4.86 -7.23
N HIS A 64 18.59 5.47 -7.15
CA HIS A 64 18.04 6.22 -8.28
C HIS A 64 17.82 7.68 -7.94
N GLY A 65 18.33 8.11 -6.78
CA GLY A 65 18.30 9.51 -6.44
C GLY A 65 17.68 9.75 -5.07
N PRO A 66 17.59 11.03 -4.65
CA PRO A 66 16.97 11.38 -3.39
C PRO A 66 15.48 11.06 -3.43
N VAL A 67 14.98 10.46 -2.34
CA VAL A 67 13.57 10.17 -2.18
C VAL A 67 13.10 10.83 -0.89
N ARG A 68 12.12 11.75 -1.00
CA ARG A 68 11.58 12.40 0.17
C ARG A 68 10.80 11.39 1.01
N ILE A 69 10.93 11.53 2.33
CA ILE A 69 10.17 10.73 3.27
C ILE A 69 9.58 11.66 4.33
N ARG A 70 8.58 11.15 5.05
CA ARG A 70 8.07 11.81 6.23
C ARG A 70 7.96 10.78 7.35
N ARG A 71 8.62 11.05 8.46
CA ARG A 71 8.57 10.17 9.61
C ARG A 71 7.47 10.69 10.54
N TYR A 72 6.63 9.76 10.98
CA TYR A 72 5.49 10.01 11.87
C TYR A 72 5.86 9.41 13.21
N ILE A 73 5.75 10.23 14.26
CA ILE A 73 6.12 9.84 15.61
C ILE A 73 4.84 9.74 16.45
N PRO A 74 4.52 8.56 17.02
CA PRO A 74 3.30 8.40 17.80
C PRO A 74 3.40 9.15 19.11
N ASP A 75 2.24 9.57 19.64
CA ASP A 75 2.20 10.15 20.97
C ASP A 75 2.82 9.19 21.97
N ARG A 76 2.48 7.90 21.81
CA ARG A 76 2.89 6.85 22.73
C ARG A 76 3.39 5.67 21.90
N LEU A 77 4.69 5.37 21.99
CA LEU A 77 5.31 4.30 21.20
C LEU A 77 5.00 2.94 21.83
N ARG A 78 4.37 2.05 21.06
CA ARG A 78 3.87 0.78 21.61
C ARG A 78 4.23 -0.41 20.72
N PHE A 79 4.85 -0.14 19.56
CA PHE A 79 5.22 -1.19 18.63
C PHE A 79 6.73 -1.08 18.32
N SER A 80 7.44 -2.22 18.32
CA SER A 80 8.88 -2.26 18.44
C SER A 80 9.58 -2.26 17.08
N HIS A 81 8.84 -2.17 15.98
CA HIS A 81 9.46 -2.10 14.67
C HIS A 81 8.99 -0.83 13.95
N PRO A 82 9.84 -0.21 13.12
CA PRO A 82 9.36 0.84 12.25
C PRO A 82 8.51 0.28 11.13
N LEU A 83 7.51 1.04 10.73
CA LEU A 83 6.70 0.76 9.55
C LEU A 83 7.22 1.62 8.41
N VAL A 84 7.37 1.01 7.25
CA VAL A 84 7.68 1.75 6.03
C VAL A 84 6.49 1.61 5.10
N PHE A 85 5.87 2.77 4.80
CA PHE A 85 4.64 2.83 4.06
C PHE A 85 4.84 3.39 2.66
N TYR A 86 4.27 2.70 1.69
CA TYR A 86 4.36 3.06 0.28
C TYR A 86 2.96 3.36 -0.25
N HIS A 87 2.66 4.62 -0.58
CA HIS A 87 1.33 5.02 -1.01
C HIS A 87 0.95 4.42 -2.37
N GLY A 88 -0.36 4.33 -2.61
CA GLY A 88 -0.91 3.94 -3.89
C GLY A 88 -1.18 5.12 -4.80
N GLY A 89 -1.84 4.82 -5.92
CA GLY A 89 -2.08 5.81 -6.95
C GLY A 89 -1.69 5.31 -8.35
N GLY A 90 -1.65 4.00 -8.56
CA GLY A 90 -1.46 3.47 -9.89
C GLY A 90 -0.02 3.60 -10.40
N PHE A 91 0.93 3.93 -9.50
CA PHE A 91 2.32 4.24 -9.82
C PHE A 91 2.46 5.63 -10.42
N VAL A 92 1.35 6.33 -10.66
CA VAL A 92 1.35 7.61 -11.38
C VAL A 92 0.93 8.79 -10.48
N PHE A 93 -0.01 8.54 -9.56
CA PHE A 93 -0.58 9.58 -8.73
C PHE A 93 -0.17 9.37 -7.27
N GLY A 94 -0.50 10.37 -6.44
CA GLY A 94 -0.35 10.22 -5.01
C GLY A 94 0.98 10.77 -4.51
N ASP A 95 1.02 11.01 -3.20
CA ASP A 95 2.25 11.46 -2.57
C ASP A 95 2.06 11.29 -1.07
N ILE A 96 2.99 11.82 -0.27
CA ILE A 96 2.87 11.67 1.17
C ILE A 96 1.63 12.41 1.68
N ASP A 97 1.29 13.53 1.04
CA ASP A 97 0.14 14.30 1.47
C ASP A 97 -1.18 13.58 1.18
N THR A 98 -1.29 12.91 0.03
CA THR A 98 -2.54 12.25 -0.30
C THR A 98 -2.85 11.13 0.70
N HIS A 99 -1.82 10.57 1.33
CA HIS A 99 -1.97 9.39 2.17
C HIS A 99 -1.75 9.70 3.66
N HIS A 100 -1.57 10.98 3.96
CA HIS A 100 -1.42 11.43 5.33
C HIS A 100 -2.56 10.94 6.24
N GLY A 101 -3.80 11.00 5.75
CA GLY A 101 -4.93 10.58 6.57
C GLY A 101 -4.79 9.14 7.06
N LEU A 102 -4.35 8.24 6.15
CA LEU A 102 -4.12 6.86 6.53
C LEU A 102 -2.90 6.76 7.44
N VAL A 103 -1.79 7.40 7.06
CA VAL A 103 -0.57 7.16 7.79
C VAL A 103 -0.64 7.74 9.22
N ALA A 104 -1.23 8.92 9.38
CA ALA A 104 -1.37 9.53 10.69
C ALA A 104 -2.12 8.58 11.64
N ARG A 105 -3.15 7.95 11.10
CA ARG A 105 -3.95 7.03 11.89
C ARG A 105 -3.21 5.72 12.17
N LEU A 106 -2.49 5.18 11.18
CA LEU A 106 -1.66 4.02 11.45
C LEU A 106 -0.71 4.34 12.59
N CYS A 107 -0.03 5.49 12.49
CA CYS A 107 0.95 5.90 13.48
C CYS A 107 0.34 5.90 14.90
N GLN A 108 -0.76 6.63 15.05
CA GLN A 108 -1.32 6.88 16.37
C GLN A 108 -2.08 5.67 16.90
N THR A 109 -2.77 4.93 16.04
CA THR A 109 -3.53 3.78 16.51
C THR A 109 -2.64 2.58 16.83
N VAL A 110 -1.63 2.34 16.00
CA VAL A 110 -0.73 1.22 16.27
C VAL A 110 0.23 1.64 17.37
N GLY A 111 0.50 2.96 17.44
CA GLY A 111 1.60 3.46 18.25
C GLY A 111 2.97 3.08 17.67
N ALA A 112 3.13 3.33 16.37
CA ALA A 112 4.34 2.96 15.64
C ALA A 112 4.93 4.18 14.96
N THR A 113 6.26 4.18 14.86
CA THR A 113 6.86 5.15 13.97
CA THR A 113 6.96 5.09 13.97
C THR A 113 6.68 4.63 12.55
N VAL A 114 6.27 5.53 11.67
CA VAL A 114 6.00 5.19 10.29
C VAL A 114 6.82 6.13 9.40
N ILE A 115 7.45 5.52 8.40
CA ILE A 115 8.13 6.25 7.34
C ILE A 115 7.26 6.18 6.10
N SER A 116 6.71 7.34 5.70
CA SER A 116 5.92 7.43 4.48
C SER A 116 6.84 7.86 3.35
N VAL A 117 6.76 7.15 2.21
CA VAL A 117 7.76 7.29 1.17
C VAL A 117 7.20 7.97 -0.09
N ASP A 118 7.90 9.01 -0.56
CA ASP A 118 7.56 9.69 -1.80
CA ASP A 118 7.56 9.69 -1.80
C ASP A 118 8.41 9.13 -2.94
N TYR A 119 8.09 7.90 -3.37
CA TYR A 119 8.86 7.24 -4.41
C TYR A 119 8.57 7.91 -5.77
N SER A 120 9.48 7.68 -6.72
CA SER A 120 9.40 8.32 -8.02
C SER A 120 8.21 7.78 -8.79
N LEU A 121 7.41 8.69 -9.40
CA LEU A 121 6.22 8.32 -10.14
C LEU A 121 6.49 8.13 -11.63
N ALA A 122 5.65 7.28 -12.24
CA ALA A 122 5.56 7.08 -13.67
C ALA A 122 4.65 8.11 -14.32
N PRO A 123 4.78 8.43 -15.62
CA PRO A 123 5.75 7.80 -16.52
C PRO A 123 7.19 8.33 -16.49
N GLU A 124 7.45 9.34 -15.65
CA GLU A 124 8.74 9.98 -15.67
C GLU A 124 9.81 8.98 -15.22
N ALA A 125 9.48 8.19 -14.20
CA ALA A 125 10.28 7.04 -13.82
C ALA A 125 9.50 5.79 -14.18
N LYS A 126 10.17 4.81 -14.77
CA LYS A 126 9.54 3.58 -15.22
C LYS A 126 9.93 2.45 -14.29
N PHE A 127 9.08 1.42 -14.27
CA PHE A 127 9.44 0.12 -13.76
C PHE A 127 10.86 -0.25 -14.17
N PRO A 128 11.73 -0.80 -13.30
CA PRO A 128 11.45 -1.04 -11.86
C PRO A 128 12.08 -0.05 -10.88
N VAL A 129 12.20 1.20 -11.32
CA VAL A 129 12.81 2.25 -10.50
C VAL A 129 12.18 2.37 -9.12
N PRO A 130 10.84 2.52 -8.94
CA PRO A 130 10.33 2.69 -7.58
C PRO A 130 10.54 1.46 -6.73
N VAL A 131 10.68 0.28 -7.33
CA VAL A 131 10.94 -0.91 -6.54
C VAL A 131 12.29 -0.76 -5.86
N ALA A 132 13.29 -0.37 -6.66
CA ALA A 132 14.63 -0.13 -6.16
C ALA A 132 14.61 0.92 -5.06
N GLU A 133 13.93 2.04 -5.31
CA GLU A 133 13.85 3.09 -4.31
C GLU A 133 13.24 2.58 -3.00
N CYS A 134 12.16 1.80 -3.11
CA CYS A 134 11.46 1.32 -1.94
C CYS A 134 12.33 0.35 -1.13
N ILE A 135 13.16 -0.45 -1.80
CA ILE A 135 14.11 -1.29 -1.10
C ILE A 135 15.11 -0.42 -0.36
N ASP A 136 15.65 0.60 -1.06
CA ASP A 136 16.67 1.41 -0.46
C ASP A 136 16.15 2.11 0.78
N VAL A 137 14.90 2.59 0.73
CA VAL A 137 14.32 3.26 1.89
C VAL A 137 14.14 2.26 3.04
N ALA A 138 13.64 1.06 2.74
CA ALA A 138 13.49 0.01 3.73
C ALA A 138 14.82 -0.28 4.43
N ARG A 139 15.91 -0.35 3.65
CA ARG A 139 17.24 -0.62 4.19
C ARG A 139 17.69 0.50 5.12
N TRP A 140 17.45 1.75 4.69
CA TRP A 140 17.76 2.89 5.53
C TRP A 140 17.02 2.79 6.86
N ALA A 141 15.73 2.44 6.81
CA ALA A 141 14.90 2.42 8.01
C ALA A 141 15.41 1.35 8.97
N ALA A 142 15.81 0.19 8.44
CA ALA A 142 16.38 -0.87 9.26
C ALA A 142 17.65 -0.41 9.96
N HIS A 143 18.48 0.38 9.28
CA HIS A 143 19.73 0.87 9.86
C HIS A 143 19.49 1.94 10.92
N GLU A 144 18.49 2.79 10.72
CA GLU A 144 18.16 3.85 11.67
C GLU A 144 17.46 3.29 12.94
N ALA A 145 16.79 2.14 12.82
CA ALA A 145 15.82 1.73 13.82
C ALA A 145 16.41 1.69 15.23
N PRO A 146 17.63 1.15 15.46
CA PRO A 146 18.18 1.14 16.81
C PRO A 146 18.30 2.51 17.46
N GLY A 147 18.61 3.54 16.66
CA GLY A 147 18.74 4.89 17.17
C GLY A 147 17.41 5.55 17.52
N TRP A 148 16.30 4.92 17.08
CA TRP A 148 14.94 5.28 17.47
C TRP A 148 14.46 4.42 18.63
N GLY A 149 15.32 3.51 19.09
CA GLY A 149 15.04 2.59 20.19
C GLY A 149 14.17 1.42 19.75
N LEU A 150 14.38 0.94 18.51
CA LEU A 150 13.51 -0.05 17.89
C LEU A 150 14.33 -1.24 17.42
N LYS A 151 13.62 -2.33 17.11
CA LYS A 151 14.23 -3.48 16.46
C LYS A 151 14.57 -3.13 15.02
N PRO A 152 15.68 -3.66 14.47
CA PRO A 152 16.08 -3.41 13.08
C PRO A 152 15.16 -3.99 12.02
N SER A 153 14.38 -5.01 12.37
CA SER A 153 13.48 -5.56 11.37
C SER A 153 12.29 -4.62 11.15
N ILE A 154 11.94 -4.39 9.90
CA ILE A 154 10.88 -3.44 9.58
C ILE A 154 9.58 -4.13 9.18
N VAL A 155 8.47 -3.37 9.22
CA VAL A 155 7.21 -3.76 8.63
C VAL A 155 7.00 -2.91 7.38
N VAL A 156 6.79 -3.55 6.22
CA VAL A 156 6.43 -2.80 5.02
C VAL A 156 4.92 -2.82 4.85
N ALA A 157 4.38 -1.75 4.25
CA ALA A 157 2.95 -1.58 4.13
C ALA A 157 2.64 -0.74 2.92
N GLY A 158 1.49 -0.99 2.28
CA GLY A 158 1.06 -0.11 1.21
C GLY A 158 -0.33 -0.46 0.72
N ASP A 159 -0.98 0.53 0.08
CA ASP A 159 -2.28 0.36 -0.53
C ASP A 159 -2.16 0.33 -2.04
N SER A 160 -2.91 -0.61 -2.67
CA SER A 160 -3.00 -0.65 -4.12
C SER A 160 -1.61 -0.82 -4.78
N ALA A 161 -1.17 0.13 -5.63
CA ALA A 161 0.16 0.09 -6.20
C ALA A 161 1.21 0.02 -5.09
N GLY A 162 0.95 0.68 -3.96
CA GLY A 162 1.81 0.64 -2.79
C GLY A 162 1.88 -0.73 -2.15
N GLY A 163 0.76 -1.47 -2.22
CA GLY A 163 0.70 -2.85 -1.76
C GLY A 163 1.51 -3.75 -2.69
N ASN A 164 1.50 -3.45 -4.00
CA ASN A 164 2.40 -4.11 -4.93
C ASN A 164 3.85 -3.95 -4.47
N LEU A 165 4.25 -2.70 -4.19
CA LEU A 165 5.63 -2.42 -3.84
C LEU A 165 6.01 -3.15 -2.55
N ALA A 166 5.09 -3.14 -1.59
CA ALA A 166 5.34 -3.79 -0.32
C ALA A 166 5.54 -5.29 -0.55
N ALA A 167 4.72 -5.91 -1.40
CA ALA A 167 4.80 -7.33 -1.63
C ALA A 167 6.12 -7.70 -2.33
N VAL A 168 6.55 -6.83 -3.27
CA VAL A 168 7.78 -7.07 -4.02
C VAL A 168 8.98 -6.88 -3.11
N VAL A 169 9.01 -5.78 -2.35
CA VAL A 169 10.09 -5.59 -1.39
C VAL A 169 10.22 -6.82 -0.50
N SER A 170 9.08 -7.34 -0.04
CA SER A 170 9.09 -8.51 0.84
C SER A 170 9.70 -9.72 0.12
N GLN A 171 9.33 -9.94 -1.15
CA GLN A 171 9.89 -11.07 -1.87
C GLN A 171 11.39 -10.92 -2.12
N ARG A 172 11.89 -9.68 -2.20
CA ARG A 172 13.28 -9.42 -2.44
C ARG A 172 14.10 -9.33 -1.15
N ALA A 173 13.43 -9.32 0.01
CA ALA A 173 14.11 -8.91 1.24
C ALA A 173 15.29 -9.80 1.59
N LYS A 174 15.14 -11.13 1.55
CA LYS A 174 16.26 -11.99 1.90
CA LYS A 174 16.26 -11.98 1.91
C LYS A 174 17.44 -11.73 0.97
N ASP A 175 17.15 -11.65 -0.32
CA ASP A 175 18.22 -11.52 -1.29
C ASP A 175 18.91 -10.18 -1.09
N GLU A 176 18.16 -9.19 -0.56
CA GLU A 176 18.74 -7.86 -0.41
C GLU A 176 19.30 -7.66 1.01
N SER A 177 19.31 -8.73 1.82
CA SER A 177 19.76 -8.69 3.21
C SER A 177 18.98 -7.62 4.00
N LEU A 178 17.66 -7.60 3.77
CA LEU A 178 16.77 -6.64 4.39
C LEU A 178 15.92 -7.37 5.41
N PRO A 179 16.02 -7.04 6.71
CA PRO A 179 15.20 -7.70 7.74
C PRO A 179 13.79 -7.14 7.80
N ILE A 180 12.82 -7.98 7.46
CA ILE A 180 11.43 -7.59 7.42
C ILE A 180 10.60 -8.52 8.31
N ALA A 181 9.88 -7.93 9.27
CA ALA A 181 9.13 -8.67 10.26
C ALA A 181 7.70 -8.96 9.79
N ALA A 182 7.16 -8.14 8.88
CA ALA A 182 5.80 -8.35 8.38
C ALA A 182 5.57 -7.48 7.16
N GLN A 183 4.51 -7.86 6.42
CA GLN A 183 4.05 -7.13 5.27
C GLN A 183 2.55 -6.90 5.40
N LEU A 184 2.11 -5.66 5.16
CA LEU A 184 0.70 -5.30 5.26
C LEU A 184 0.25 -4.82 3.88
N LEU A 185 -0.61 -5.60 3.23
CA LEU A 185 -1.01 -5.34 1.87
C LEU A 185 -2.48 -4.95 1.86
N PHE A 186 -2.77 -3.71 1.48
CA PHE A 186 -4.12 -3.19 1.48
C PHE A 186 -4.57 -3.14 0.02
N TYR A 187 -5.53 -4.01 -0.32
CA TYR A 187 -6.03 -4.21 -1.67
C TYR A 187 -4.92 -4.03 -2.70
N PRO A 188 -3.85 -4.86 -2.63
CA PRO A 188 -2.72 -4.72 -3.56
C PRO A 188 -3.04 -5.17 -4.98
N ALA A 189 -2.32 -4.60 -5.95
CA ALA A 189 -2.18 -5.16 -7.27
C ALA A 189 -1.04 -6.17 -7.26
N LEU A 190 -1.28 -7.41 -7.68
CA LEU A 190 -0.24 -8.45 -7.55
C LEU A 190 -0.02 -9.26 -8.81
N ASP A 191 -0.97 -9.27 -9.77
CA ASP A 191 -0.86 -10.12 -10.95
C ASP A 191 -1.36 -9.33 -12.15
N MET A 192 -0.43 -8.85 -12.94
CA MET A 192 -0.78 -8.07 -14.12
C MET A 192 -1.02 -8.93 -15.36
N VAL A 193 -0.84 -10.26 -15.27
CA VAL A 193 -0.96 -11.16 -16.41
C VAL A 193 -2.39 -11.68 -16.48
N HIS A 194 -2.93 -12.16 -15.36
CA HIS A 194 -4.12 -13.02 -15.43
C HIS A 194 -5.39 -12.21 -15.18
N GLU A 195 -6.45 -12.55 -15.92
CA GLU A 195 -7.76 -12.06 -15.56
C GLU A 195 -8.27 -12.96 -14.42
N THR A 196 -8.97 -12.36 -13.49
CA THR A 196 -9.65 -13.09 -12.43
C THR A 196 -11.13 -12.79 -12.57
N PRO A 197 -12.01 -13.57 -11.91
CA PRO A 197 -13.43 -13.26 -11.90
C PRO A 197 -13.72 -11.83 -11.42
N SER A 198 -13.10 -11.38 -10.33
CA SER A 198 -13.42 -10.07 -9.78
C SER A 198 -13.02 -8.98 -10.79
N LYS A 199 -11.94 -9.25 -11.52
CA LYS A 199 -11.42 -8.28 -12.47
C LYS A 199 -12.44 -8.08 -13.60
N ARG A 200 -13.20 -9.13 -13.93
CA ARG A 200 -14.28 -9.04 -14.92
C ARG A 200 -15.54 -8.47 -14.30
N ASP A 201 -15.92 -9.03 -13.15
CA ASP A 201 -17.22 -8.77 -12.54
C ASP A 201 -17.30 -7.32 -12.07
N PHE A 202 -16.17 -6.72 -11.62
CA PHE A 202 -16.22 -5.37 -11.06
C PHE A 202 -15.37 -4.42 -11.90
N ALA A 203 -15.38 -4.62 -13.22
CA ALA A 203 -14.40 -3.96 -14.08
C ALA A 203 -14.64 -2.45 -14.19
N ARG A 204 -15.91 -2.04 -14.03
CA ARG A 204 -16.31 -0.66 -14.24
C ARG A 204 -17.30 -0.26 -13.16
N GLY A 205 -17.19 0.98 -12.69
CA GLY A 205 -18.20 1.57 -11.82
C GLY A 205 -17.86 1.52 -10.33
N TYR A 206 -16.72 0.94 -9.97
CA TYR A 206 -16.34 0.82 -8.56
C TYR A 206 -15.03 1.57 -8.28
N LEU A 207 -14.85 2.75 -8.90
CA LEU A 207 -13.78 3.72 -8.62
C LEU A 207 -12.50 3.33 -9.35
N LEU A 208 -11.95 2.13 -9.10
CA LEU A 208 -10.83 1.60 -9.87
C LEU A 208 -11.40 0.82 -11.04
N GLU A 209 -11.12 1.30 -12.24
CA GLU A 209 -11.68 0.72 -13.44
C GLU A 209 -10.61 0.12 -14.37
N ALA A 210 -11.11 -0.70 -15.30
CA ALA A 210 -10.33 -1.46 -16.27
C ALA A 210 -9.46 -0.56 -17.13
N ASP A 211 -10.06 0.47 -17.72
CA ASP A 211 -9.38 1.38 -18.63
C ASP A 211 -8.25 2.10 -17.89
N ALA A 212 -8.53 2.54 -16.66
CA ALA A 212 -7.53 3.23 -15.85
C ALA A 212 -6.34 2.30 -15.59
N MET A 213 -6.65 1.05 -15.24
CA MET A 213 -5.61 0.11 -14.92
C MET A 213 -4.70 -0.08 -16.14
N GLN A 214 -5.31 -0.18 -17.32
CA GLN A 214 -4.57 -0.30 -18.57
C GLN A 214 -3.62 0.88 -18.74
N TRP A 215 -4.15 2.09 -18.51
CA TRP A 215 -3.39 3.29 -18.73
C TRP A 215 -2.24 3.37 -17.72
N PHE A 216 -2.50 2.95 -16.47
CA PHE A 216 -1.47 2.95 -15.46
C PHE A 216 -0.32 2.05 -15.87
N GLY A 217 -0.64 0.83 -16.35
CA GLY A 217 0.36 -0.08 -16.87
C GLY A 217 1.18 0.52 -18.02
N GLU A 218 0.52 1.23 -18.93
CA GLU A 218 1.17 1.89 -20.05
C GLU A 218 2.16 2.95 -19.56
N GLN A 219 1.87 3.63 -18.45
CA GLN A 219 2.76 4.65 -17.90
C GLN A 219 3.95 4.00 -17.17
N TYR A 220 3.69 2.94 -16.39
CA TYR A 220 4.66 2.38 -15.47
C TYR A 220 5.62 1.41 -16.15
N LEU A 221 5.06 0.47 -16.93
CA LEU A 221 5.87 -0.58 -17.52
C LEU A 221 6.66 -0.04 -18.72
N ARG A 222 7.80 -0.67 -19.01
CA ARG A 222 8.62 -0.26 -20.15
C ARG A 222 8.02 -0.77 -21.45
N THR A 223 7.63 -2.04 -21.45
CA THR A 223 6.98 -2.66 -22.59
C THR A 223 5.92 -3.61 -22.07
N PRO A 224 4.98 -4.08 -22.91
CA PRO A 224 3.97 -5.02 -22.43
C PRO A 224 4.49 -6.33 -21.82
N ASP A 225 5.73 -6.69 -22.15
CA ASP A 225 6.32 -7.93 -21.65
C ASP A 225 6.57 -7.86 -20.15
N ASP A 226 6.68 -6.66 -19.60
CA ASP A 226 7.03 -6.50 -18.20
C ASP A 226 5.93 -7.05 -17.29
N VAL A 227 4.73 -7.32 -17.83
CA VAL A 227 3.63 -7.81 -17.00
C VAL A 227 4.00 -9.13 -16.33
N SER A 228 4.87 -9.93 -16.97
CA SER A 228 5.22 -11.24 -16.42
C SER A 228 6.49 -11.17 -15.55
N HIS A 229 7.12 -9.98 -15.43
CA HIS A 229 8.28 -9.82 -14.59
C HIS A 229 7.84 -10.01 -13.13
N PRO A 230 8.55 -10.82 -12.32
CA PRO A 230 8.16 -10.98 -10.92
C PRO A 230 8.19 -9.74 -10.02
N TRP A 231 8.93 -8.72 -10.42
CA TRP A 231 8.92 -7.49 -9.67
C TRP A 231 7.76 -6.58 -10.06
N ALA A 232 7.00 -6.95 -11.12
CA ALA A 232 5.75 -6.31 -11.44
C ALA A 232 4.57 -7.14 -10.95
N SER A 233 4.65 -8.48 -11.10
CA SER A 233 3.57 -9.40 -10.78
C SER A 233 4.05 -10.41 -9.74
N PRO A 234 4.21 -10.00 -8.46
CA PRO A 234 4.73 -10.89 -7.44
C PRO A 234 3.90 -12.14 -7.16
N ALA A 235 2.61 -12.14 -7.56
CA ALA A 235 1.79 -13.36 -7.39
C ALA A 235 2.31 -14.51 -8.26
N LEU A 236 3.13 -14.21 -9.28
CA LEU A 236 3.63 -15.24 -10.19
C LEU A 236 4.78 -16.02 -9.57
N SER A 237 5.34 -15.54 -8.45
CA SER A 237 6.54 -16.18 -7.92
C SER A 237 6.21 -17.57 -7.39
N PRO A 238 6.95 -18.62 -7.83
CA PRO A 238 6.59 -19.98 -7.42
C PRO A 238 6.93 -20.34 -5.97
N ASP A 239 7.87 -19.64 -5.34
CA ASP A 239 8.34 -20.00 -4.00
C ASP A 239 8.08 -18.88 -3.03
N LEU A 240 7.04 -19.07 -2.20
CA LEU A 240 6.68 -18.08 -1.19
C LEU A 240 7.11 -18.53 0.21
N THR A 241 7.85 -19.65 0.34
CA THR A 241 8.24 -20.10 1.68
C THR A 241 9.16 -19.09 2.36
N GLY A 242 8.96 -18.92 3.68
CA GLY A 242 9.86 -18.07 4.44
C GLY A 242 9.65 -16.56 4.23
N LEU A 243 8.60 -16.14 3.49
CA LEU A 243 8.31 -14.72 3.35
C LEU A 243 7.81 -14.16 4.68
N PRO A 244 7.78 -12.83 4.86
CA PRO A 244 7.32 -12.25 6.11
C PRO A 244 5.83 -12.47 6.37
N PRO A 245 5.47 -12.63 7.65
CA PRO A 245 4.06 -12.66 8.05
C PRO A 245 3.26 -11.58 7.36
N ALA A 246 2.08 -11.94 6.88
CA ALA A 246 1.32 -11.10 5.96
C ALA A 246 -0.11 -10.84 6.46
N LEU A 247 -0.51 -9.57 6.41
CA LEU A 247 -1.90 -9.17 6.54
C LEU A 247 -2.35 -8.69 5.17
N VAL A 248 -3.36 -9.36 4.62
CA VAL A 248 -3.87 -9.05 3.31
C VAL A 248 -5.33 -8.62 3.44
N ILE A 249 -5.56 -7.33 3.24
CA ILE A 249 -6.89 -6.75 3.36
C ILE A 249 -7.45 -6.51 1.95
N THR A 250 -8.62 -7.06 1.67
CA THR A 250 -9.26 -6.83 0.38
C THR A 250 -10.62 -6.15 0.58
N ALA A 251 -11.17 -5.61 -0.53
CA ALA A 251 -12.52 -5.07 -0.60
C ALA A 251 -13.38 -5.97 -1.47
N GLU A 252 -14.62 -6.21 -1.04
CA GLU A 252 -15.47 -7.16 -1.75
C GLU A 252 -15.71 -6.79 -3.22
N TYR A 253 -15.92 -5.50 -3.50
CA TYR A 253 -16.32 -5.04 -4.82
C TYR A 253 -15.18 -4.27 -5.49
N ASP A 254 -14.09 -4.97 -5.70
CA ASP A 254 -12.82 -4.43 -6.17
C ASP A 254 -12.32 -5.39 -7.24
N PRO A 255 -11.95 -4.92 -8.44
CA PRO A 255 -11.42 -5.81 -9.46
C PRO A 255 -10.17 -6.56 -8.97
N LEU A 256 -9.39 -5.93 -8.05
CA LEU A 256 -8.16 -6.56 -7.57
C LEU A 256 -8.42 -7.56 -6.45
N ARG A 257 -9.68 -7.72 -6.02
CA ARG A 257 -9.97 -8.59 -4.88
C ARG A 257 -9.36 -9.98 -5.05
N ASP A 258 -9.68 -10.65 -6.15
CA ASP A 258 -9.39 -12.08 -6.27
C ASP A 258 -7.90 -12.36 -6.28
N GLU A 259 -7.11 -11.52 -6.95
CA GLU A 259 -5.67 -11.74 -6.94
C GLU A 259 -5.12 -11.53 -5.53
N GLY A 260 -5.68 -10.58 -4.76
CA GLY A 260 -5.21 -10.34 -3.41
C GLY A 260 -5.51 -11.55 -2.50
N GLU A 261 -6.71 -12.08 -2.63
CA GLU A 261 -7.10 -13.20 -1.78
C GLU A 261 -6.34 -14.46 -2.20
N ALA A 262 -6.15 -14.66 -3.52
CA ALA A 262 -5.39 -15.82 -3.99
C ALA A 262 -3.96 -15.82 -3.47
N TYR A 263 -3.32 -14.64 -3.47
CA TYR A 263 -1.98 -14.54 -2.93
C TYR A 263 -1.98 -14.83 -1.43
N ALA A 264 -2.98 -14.34 -0.68
CA ALA A 264 -3.05 -14.68 0.74
C ALA A 264 -3.16 -16.19 0.94
N GLU A 265 -3.94 -16.88 0.10
CA GLU A 265 -4.07 -18.33 0.23
C GLU A 265 -2.76 -19.04 -0.09
N ALA A 266 -2.04 -18.52 -1.08
CA ALA A 266 -0.76 -19.09 -1.50
C ALA A 266 0.27 -18.91 -0.38
N LEU A 267 0.31 -17.71 0.20
CA LEU A 267 1.20 -17.50 1.35
C LEU A 267 0.88 -18.48 2.47
N ARG A 268 -0.39 -18.61 2.82
CA ARG A 268 -0.83 -19.49 3.91
C ARG A 268 -0.35 -20.93 3.65
N ALA A 269 -0.54 -21.40 2.42
CA ALA A 269 -0.19 -22.78 2.06
C ALA A 269 1.34 -22.97 2.01
N ALA A 270 2.09 -21.86 1.92
CA ALA A 270 3.54 -21.88 1.92
C ALA A 270 4.07 -21.71 3.34
N GLY A 271 3.19 -21.76 4.35
CA GLY A 271 3.62 -21.76 5.75
C GLY A 271 3.89 -20.37 6.31
N VAL A 272 3.51 -19.33 5.56
CA VAL A 272 3.70 -17.96 5.99
C VAL A 272 2.52 -17.62 6.90
N PRO A 273 2.76 -17.17 8.15
CA PRO A 273 1.66 -16.69 9.01
C PRO A 273 0.90 -15.59 8.28
N THR A 274 -0.39 -15.79 8.06
CA THR A 274 -1.15 -14.95 7.16
C THR A 274 -2.53 -14.67 7.76
N GLU A 275 -2.94 -13.42 7.72
CA GLU A 275 -4.30 -13.06 8.04
C GLU A 275 -4.91 -12.43 6.80
N GLN A 276 -6.04 -13.00 6.34
CA GLN A 276 -6.74 -12.55 5.14
C GLN A 276 -8.10 -12.02 5.55
N ILE A 277 -8.36 -10.72 5.33
CA ILE A 277 -9.61 -10.10 5.73
C ILE A 277 -10.23 -9.40 4.53
N ARG A 278 -11.42 -9.86 4.11
CA ARG A 278 -12.23 -9.13 3.14
C ARG A 278 -13.23 -8.27 3.90
N PHE A 279 -13.24 -6.97 3.62
CA PHE A 279 -14.27 -6.08 4.10
C PHE A 279 -15.45 -6.10 3.12
N ASP A 280 -16.53 -6.76 3.53
CA ASP A 280 -17.73 -6.88 2.72
C ASP A 280 -18.35 -5.52 2.44
N GLY A 281 -18.92 -5.37 1.24
CA GLY A 281 -19.64 -4.17 0.87
C GLY A 281 -18.72 -3.03 0.42
N MET A 282 -17.39 -3.21 0.51
CA MET A 282 -16.46 -2.11 0.29
C MET A 282 -15.87 -2.17 -1.14
N ILE A 283 -15.21 -1.07 -1.49
CA ILE A 283 -14.59 -0.86 -2.79
C ILE A 283 -13.10 -0.61 -2.58
N HIS A 284 -12.36 -0.72 -3.70
CA HIS A 284 -10.96 -0.35 -3.74
C HIS A 284 -10.78 1.07 -3.21
N GLY A 285 -9.72 1.28 -2.43
CA GLY A 285 -9.37 2.61 -1.96
C GLY A 285 -9.94 2.98 -0.60
N PHE A 286 -10.70 2.10 0.06
CA PHE A 286 -11.49 2.52 1.21
C PHE A 286 -10.63 2.89 2.41
N MET A 287 -9.36 2.47 2.44
CA MET A 287 -8.53 2.78 3.60
C MET A 287 -7.86 4.15 3.48
N THR A 288 -8.11 4.89 2.39
CA THR A 288 -7.78 6.31 2.30
C THR A 288 -9.05 7.17 2.12
N MET A 289 -10.20 6.66 2.56
CA MET A 289 -11.47 7.33 2.43
C MET A 289 -12.18 7.37 3.78
N PRO A 290 -11.80 8.33 4.66
CA PRO A 290 -12.22 8.29 6.05
C PRO A 290 -13.69 8.56 6.30
N ILE A 291 -14.45 8.85 5.23
CA ILE A 291 -15.91 8.92 5.30
C ILE A 291 -16.50 7.53 5.59
N PHE A 292 -15.72 6.48 5.38
CA PHE A 292 -16.19 5.13 5.67
C PHE A 292 -15.63 4.66 7.02
N PRO A 293 -16.49 4.25 7.99
CA PRO A 293 -15.98 3.68 9.24
C PRO A 293 -15.13 2.44 9.08
N GLN A 294 -15.27 1.75 7.95
CA GLN A 294 -14.46 0.56 7.68
C GLN A 294 -12.97 0.90 7.57
N MET A 295 -12.62 2.14 7.20
CA MET A 295 -11.20 2.52 7.17
C MET A 295 -10.57 2.37 8.56
N GLU A 296 -11.21 2.92 9.60
CA GLU A 296 -10.68 2.76 10.94
C GLU A 296 -10.78 1.31 11.43
N ALA A 297 -11.81 0.57 11.03
CA ALA A 297 -11.87 -0.85 11.38
C ALA A 297 -10.66 -1.60 10.84
N ALA A 298 -10.25 -1.28 9.61
CA ALA A 298 -9.11 -1.93 8.96
C ALA A 298 -7.82 -1.53 9.66
N ILE A 299 -7.74 -0.27 10.13
CA ILE A 299 -6.56 0.15 10.87
C ILE A 299 -6.52 -0.58 12.21
N GLU A 300 -7.67 -0.84 12.82
CA GLU A 300 -7.70 -1.63 14.05
CA GLU A 300 -7.70 -1.63 14.05
C GLU A 300 -7.23 -3.05 13.74
N ALA A 301 -7.60 -3.57 12.57
CA ALA A 301 -7.10 -4.89 12.16
C ALA A 301 -5.57 -4.91 12.11
N VAL A 302 -4.99 -3.85 11.56
CA VAL A 302 -3.54 -3.72 11.50
C VAL A 302 -2.97 -3.79 12.91
N ALA A 303 -3.51 -3.00 13.84
CA ALA A 303 -2.97 -2.97 15.19
C ALA A 303 -3.06 -4.35 15.85
N ARG A 304 -4.21 -5.02 15.68
CA ARG A 304 -4.38 -6.35 16.23
C ARG A 304 -3.40 -7.36 15.65
N PHE A 305 -3.18 -7.27 14.33
CA PHE A 305 -2.24 -8.14 13.66
C PHE A 305 -0.81 -7.93 14.18
N LEU A 306 -0.41 -6.66 14.28
CA LEU A 306 0.95 -6.33 14.66
C LEU A 306 1.19 -6.66 16.13
N GLU A 307 0.13 -6.72 16.96
CA GLU A 307 0.26 -7.16 18.35
C GLU A 307 0.78 -8.59 18.43
N ARG A 308 0.56 -9.36 17.38
CA ARG A 308 0.88 -10.77 17.38
C ARG A 308 2.23 -11.08 16.74
N ILE A 309 2.97 -10.05 16.29
CA ILE A 309 4.26 -10.23 15.64
C ILE A 309 5.35 -10.59 16.64
N ASP A 310 5.31 -9.94 17.81
CA ASP A 310 6.29 -10.21 18.88
C ASP A 310 5.57 -10.78 20.12
C1 TIK B . 17.28 -7.86 -17.12
C3 TIK B . 16.45 -7.56 -14.47
C4 TIK B . 17.33 -8.01 -13.48
C5 TIK B . 17.91 -7.12 -12.60
C6 TIK B . 17.63 -5.76 -12.68
O1 TIK B . 15.96 -8.29 -16.69
O4 TIK B . 15.75 -4.62 -16.25
C2 TIK B . 15.81 -8.58 -15.39
O2 TIK B . 15.13 -9.50 -15.01
C7 TIK B . 16.74 -5.31 -13.65
C8 TIK B . 16.13 -6.19 -14.54
C9 TIK B . 15.21 -5.66 -15.61
O3 TIK B . 14.17 -6.19 -15.94
C10 TIK B . 15.89 -4.76 -17.70
H3 TIK B . 17.33 -7.92 -18.08
H1 TIK B . 17.94 -8.42 -16.71
H2 TIK B . 17.43 -6.94 -16.85
H4 TIK B . 17.53 -8.92 -13.42
H5 TIK B . 18.51 -7.43 -11.93
H6 TIK B . 18.02 -5.15 -12.08
H7 TIK B . 16.55 -4.39 -13.71
H10 TIK B . 16.01 -3.88 -18.09
H8 TIK B . 15.10 -5.18 -18.07
H9 TIK B . 16.66 -5.31 -17.89
C1 EDO C . 12.19 -11.60 -6.18
O1 EDO C . 13.45 -11.41 -6.82
C2 EDO C . 11.24 -12.25 -7.09
O2 EDO C . 11.74 -13.51 -7.57
H11 EDO C . 11.83 -10.74 -5.91
H12 EDO C . 12.32 -12.17 -5.39
HO1 EDO C . 13.95 -11.01 -6.25
H21 EDO C . 11.07 -11.66 -7.84
H22 EDO C . 10.40 -12.41 -6.60
HO2 EDO C . 11.79 -14.06 -6.92
C1 EDO D . 2.69 -1.02 -22.19
O1 EDO D . 3.99 -0.45 -22.05
C2 EDO D . 2.22 -1.73 -20.97
O2 EDO D . 1.21 -2.73 -21.22
H11 EDO D . 2.71 -1.66 -22.94
H12 EDO D . 2.05 -0.32 -22.41
HO1 EDO D . 4.20 -0.04 -22.74
H21 EDO D . 1.86 -1.08 -20.34
H22 EDO D . 2.98 -2.17 -20.54
HO2 EDO D . 0.55 -2.36 -21.60
C1 EDO E . 2.10 -17.94 15.16
O1 EDO E . 1.64 -17.06 16.18
C2 EDO E . 2.75 -17.27 14.02
O2 EDO E . 4.04 -16.76 14.34
H11 EDO E . 1.35 -18.48 14.84
H12 EDO E . 2.76 -18.55 15.56
HO1 EDO E . 1.38 -17.54 16.80
H21 EDO E . 2.18 -16.54 13.71
H22 EDO E . 2.84 -17.91 13.28
HO2 EDO E . 3.95 -16.13 14.91
C1 EDO F . 12.39 6.63 -19.51
O1 EDO F . 12.43 6.37 -18.10
C2 EDO F . 11.08 7.12 -20.06
O2 EDO F . 10.19 7.69 -19.08
H11 EDO F . 12.64 5.81 -20.00
H12 EDO F . 13.07 7.32 -19.72
HO1 EDO F . 13.21 6.18 -17.83
H21 EDO F . 10.63 6.36 -20.49
H22 EDO F . 11.26 7.80 -20.75
HO2 EDO F . 10.59 8.30 -18.66
C1 MLA G . -1.87 -1.56 -12.27
O1A MLA G . -1.89 -2.76 -11.97
O1B MLA G . -1.06 -1.09 -13.09
C2 MLA G . -2.88 -0.63 -11.57
C3 MLA G . -2.69 -0.45 -10.06
O3A MLA G . -1.59 -0.75 -9.59
O3B MLA G . -3.68 -0.04 -9.35
HC21 MLA G . -3.77 -0.97 -11.74
HC22 MLA G . -2.81 0.25 -12.00
C ACE H . -4.32 2.67 -7.29
O ACE H . -5.25 1.96 -7.07
CH3 ACE H . -3.01 2.23 -6.79
H ACE H . -4.42 3.48 -7.77
H1 ACE H . -2.99 1.26 -6.80
H2 ACE H . -2.88 2.57 -5.89
H3 ACE H . -2.32 2.55 -7.37
C1 EDO I . -9.57 8.18 -2.78
O1 EDO I . -8.60 9.23 -2.84
C2 EDO I . -9.00 6.79 -2.83
O2 EDO I . -8.07 6.61 -3.87
H11 EDO I . -10.20 8.29 -3.53
H12 EDO I . -10.08 8.27 -1.95
HO1 EDO I . -9.00 9.97 -2.88
H21 EDO I . -9.73 6.15 -2.93
H22 EDO I . -8.56 6.60 -1.98
HO2 EDO I . -7.40 7.12 -3.74
#